data_2I9A
#
_entry.id   2I9A
#
_cell.length_a   47.603
_cell.length_b   64.327
_cell.length_c   64.623
_cell.angle_alpha   107.62
_cell.angle_beta   92.11
_cell.angle_gamma   95.75
#
_symmetry.space_group_name_H-M   'P 1'
#
loop_
_entity.id
_entity.type
_entity.pdbx_description
1 polymer 'Urokinase-type plasminogen activator'
2 non-polymer 'PHOSPHATE ION'
3 water water
#
_entity_poly.entity_id   1
_entity_poly.type   'polypeptide(L)'
_entity_poly.pdbx_seq_one_letter_code
;RSSNELHQVPSNCDCLNGGTCVSNKYFSNIHWCNCPKKFGGQHCEIDKSKTCYEGNGHFYRGKASTDTMGRPCLPWNSAT
VLQQTYHAHRSDALQLGLGKHNYCRNPDNRRRPWCYVQVGLKPLVQECMVHDCADGKKPSSPPEE
;
_entity_poly.pdbx_strand_id   A,B,C,D
#
loop_
_chem_comp.id
_chem_comp.type
_chem_comp.name
_chem_comp.formula
PO4 non-polymer 'PHOSPHATE ION' 'O4 P -3'
#
# COMPACT_ATOMS: atom_id res chain seq x y z
N ASN A 12 19.19 -15.61 -18.81
CA ASN A 12 19.33 -15.95 -17.35
C ASN A 12 18.48 -17.16 -16.90
N CYS A 13 18.82 -17.71 -15.71
CA CYS A 13 17.99 -18.64 -14.92
C CYS A 13 17.68 -18.03 -13.53
N ASP A 14 17.88 -18.80 -12.46
CA ASP A 14 17.45 -18.38 -11.13
C ASP A 14 15.99 -17.88 -11.19
N CYS A 15 15.09 -18.79 -11.59
CA CYS A 15 13.69 -18.49 -11.76
C CYS A 15 13.00 -18.71 -10.42
N LEU A 16 12.23 -17.72 -9.99
CA LEU A 16 11.54 -17.79 -8.68
C LEU A 16 10.08 -18.18 -8.85
N ASN A 17 9.41 -18.45 -7.73
CA ASN A 17 7.97 -18.54 -7.69
C ASN A 17 7.37 -19.55 -8.63
N GLY A 18 8.03 -20.68 -8.78
CA GLY A 18 7.54 -21.80 -9.59
C GLY A 18 7.85 -21.68 -11.06
N GLY A 19 8.65 -20.68 -11.43
CA GLY A 19 9.12 -20.53 -12.82
C GLY A 19 10.09 -21.63 -13.19
N THR A 20 10.22 -21.88 -14.48
CA THR A 20 11.00 -22.97 -15.06
C THR A 20 12.03 -22.40 -16.03
N CYS A 21 13.33 -22.66 -15.81
CA CYS A 21 14.34 -22.30 -16.81
C CYS A 21 14.12 -23.16 -18.01
N VAL A 22 13.91 -22.51 -19.15
CA VAL A 22 13.79 -23.22 -20.43
C VAL A 22 14.88 -22.75 -21.37
N SER A 23 15.37 -23.63 -22.24
CA SER A 23 16.44 -23.17 -23.11
C SER A 23 15.86 -22.38 -24.26
N ASN A 24 16.67 -21.48 -24.80
CA ASN A 24 16.28 -20.70 -25.93
C ASN A 24 16.16 -21.57 -27.16
N LYS A 25 15.05 -21.40 -27.87
CA LYS A 25 14.76 -22.22 -29.04
C LYS A 25 15.76 -22.05 -30.21
N TYR A 26 16.37 -20.87 -30.32
CA TYR A 26 17.23 -20.58 -31.50
C TYR A 26 18.70 -20.45 -31.19
N PHE A 27 19.00 -20.12 -29.94
CA PHE A 27 20.37 -19.86 -29.53
C PHE A 27 20.89 -20.91 -28.57
N SER A 28 22.08 -21.44 -28.85
CA SER A 28 22.81 -22.27 -27.89
C SER A 28 23.14 -21.47 -26.62
N ASN A 29 23.01 -22.12 -25.47
CA ASN A 29 23.52 -21.59 -24.20
C ASN A 29 22.85 -20.36 -23.68
N ILE A 30 21.64 -20.05 -24.16
CA ILE A 30 20.79 -19.02 -23.58
C ILE A 30 19.59 -19.75 -22.96
N HIS A 31 19.12 -19.21 -21.83
CA HIS A 31 17.95 -19.74 -21.14
C HIS A 31 17.10 -18.55 -20.74
N TRP A 32 15.82 -18.80 -20.50
CA TRP A 32 14.91 -17.79 -19.96
C TRP A 32 13.92 -18.45 -18.97
N CYS A 33 13.29 -17.64 -18.11
CA CYS A 33 12.30 -18.14 -17.16
C CYS A 33 10.88 -18.15 -17.69
N ASN A 34 10.30 -19.34 -17.81
CA ASN A 34 8.90 -19.45 -18.15
C ASN A 34 8.10 -19.32 -16.85
N CYS A 35 7.33 -18.26 -16.70
CA CYS A 35 6.68 -17.97 -15.43
C CYS A 35 5.26 -18.44 -15.37
N PRO A 36 4.81 -18.89 -14.19
CA PRO A 36 3.36 -19.09 -14.07
C PRO A 36 2.63 -17.76 -14.32
N LYS A 37 1.35 -17.80 -14.72
CA LYS A 37 0.67 -16.60 -15.23
C LYS A 37 0.55 -15.47 -14.20
N LYS A 38 0.55 -15.83 -12.91
CA LYS A 38 0.43 -14.82 -11.85
C LYS A 38 1.73 -14.05 -11.58
N PHE A 39 2.83 -14.46 -12.21
CA PHE A 39 4.16 -13.86 -11.99
C PHE A 39 4.78 -13.33 -13.28
N GLY A 40 5.57 -12.27 -13.16
CA GLY A 40 6.28 -11.74 -14.31
C GLY A 40 7.69 -11.34 -13.90
N GLY A 41 8.44 -10.87 -14.88
CA GLY A 41 9.81 -10.49 -14.63
C GLY A 41 10.76 -11.53 -15.19
N GLN A 42 11.99 -11.07 -15.36
CA GLN A 42 13.10 -11.86 -15.85
C GLN A 42 13.35 -13.11 -14.99
N HIS A 43 13.03 -13.01 -13.70
CA HIS A 43 13.15 -14.12 -12.76
C HIS A 43 11.81 -14.56 -12.15
N CYS A 44 10.71 -14.14 -12.75
CA CYS A 44 9.37 -14.39 -12.21
C CYS A 44 9.26 -13.76 -10.81
N GLU A 45 9.92 -12.62 -10.63
CA GLU A 45 10.11 -12.04 -9.27
C GLU A 45 8.98 -11.12 -8.81
N ILE A 46 8.10 -10.73 -9.74
CA ILE A 46 6.99 -9.85 -9.44
C ILE A 46 5.71 -10.67 -9.42
N ASP A 47 4.98 -10.58 -8.31
CA ASP A 47 3.66 -11.18 -8.20
C ASP A 47 2.65 -10.18 -8.74
N LYS A 48 2.08 -10.51 -9.89
CA LYS A 48 1.24 -9.55 -10.60
C LYS A 48 -0.18 -9.52 -10.05
N SER A 49 -0.58 -10.55 -9.30
CA SER A 49 -1.99 -10.65 -8.93
C SER A 49 -2.31 -10.48 -7.43
N LYS A 50 -1.31 -10.71 -6.56
CA LYS A 50 -1.57 -10.66 -5.11
C LYS A 50 -2.00 -9.28 -4.64
N THR A 51 -3.07 -9.25 -3.83
CA THR A 51 -3.64 -7.98 -3.37
C THR A 51 -3.49 -7.80 -1.84
N CYS A 52 -2.83 -8.75 -1.19
CA CYS A 52 -2.64 -8.65 0.26
C CYS A 52 -1.37 -9.40 0.62
N TYR A 53 -0.92 -9.31 1.87
CA TYR A 53 0.28 -10.04 2.31
C TYR A 53 -0.13 -11.12 3.31
N GLU A 54 0.71 -12.13 3.46
CA GLU A 54 0.50 -13.17 4.46
C GLU A 54 1.55 -13.10 5.58
N GLY A 55 1.12 -13.36 6.82
CA GLY A 55 1.99 -13.34 7.96
C GLY A 55 2.54 -11.93 8.17
N ASN A 56 3.85 -11.80 8.24
CA ASN A 56 4.48 -10.45 8.27
C ASN A 56 4.80 -9.86 6.88
N GLY A 57 4.49 -10.61 5.81
CA GLY A 57 4.73 -10.12 4.46
C GLY A 57 6.19 -10.14 4.12
N HIS A 58 6.95 -10.92 4.86
CA HIS A 58 8.38 -11.09 4.58
C HIS A 58 8.61 -11.54 3.13
N PHE A 59 7.71 -12.33 2.58
CA PHE A 59 7.86 -12.80 1.21
C PHE A 59 6.81 -12.24 0.25
N TYR A 60 6.11 -11.21 0.69
CA TYR A 60 5.25 -10.42 -0.20
C TYR A 60 6.01 -9.86 -1.43
N ARG A 61 5.49 -10.08 -2.63
CA ARG A 61 6.16 -9.65 -3.83
C ARG A 61 5.22 -8.97 -4.83
N GLY A 62 4.10 -8.45 -4.31
CA GLY A 62 3.11 -7.80 -5.13
C GLY A 62 3.47 -6.36 -5.50
N LYS A 63 2.50 -5.67 -6.06
CA LYS A 63 2.75 -4.37 -6.65
C LYS A 63 2.21 -3.18 -5.86
N ALA A 64 1.83 -3.39 -4.57
CA ALA A 64 1.46 -2.24 -3.70
C ALA A 64 2.64 -1.23 -3.62
N SER A 65 2.35 0.08 -3.66
CA SER A 65 3.46 1.05 -3.77
C SER A 65 3.07 2.37 -3.10
N THR A 66 2.18 2.26 -2.10
CA THR A 66 1.64 3.43 -1.34
C THR A 66 1.76 3.18 0.17
N ASP A 67 2.22 4.16 0.95
CA ASP A 67 2.29 4.02 2.40
C ASP A 67 0.93 4.27 3.04
N THR A 68 0.83 4.04 4.33
CA THR A 68 -0.48 4.13 5.02
C THR A 68 -1.03 5.56 5.03
N MET A 69 -0.17 6.54 4.75
CA MET A 69 -0.58 7.93 4.68
C MET A 69 -0.95 8.38 3.25
N GLY A 70 -0.95 7.42 2.32
CA GLY A 70 -1.37 7.72 0.94
C GLY A 70 -0.28 8.40 0.15
N ARG A 71 0.98 8.19 0.56
CA ARG A 71 2.16 8.70 -0.19
C ARG A 71 2.87 7.58 -1.00
N PRO A 72 3.40 7.94 -2.19
CA PRO A 72 4.06 6.95 -3.06
C PRO A 72 5.39 6.52 -2.46
N CYS A 73 5.64 5.23 -2.49
CA CYS A 73 6.95 4.68 -2.15
C CYS A 73 8.01 5.22 -3.11
N LEU A 74 9.22 5.44 -2.59
CA LEU A 74 10.37 5.70 -3.45
C LEU A 74 10.85 4.41 -4.13
N PRO A 75 11.36 4.55 -5.36
CA PRO A 75 11.88 3.36 -6.07
C PRO A 75 13.11 2.81 -5.34
N TRP A 76 13.28 1.49 -5.31
CA TRP A 76 14.49 0.88 -4.72
C TRP A 76 15.79 1.20 -5.46
N ASN A 77 15.69 1.72 -6.68
CA ASN A 77 16.86 2.14 -7.46
C ASN A 77 16.97 3.65 -7.65
N SER A 78 16.21 4.41 -6.86
CA SER A 78 16.35 5.88 -6.87
C SER A 78 17.68 6.20 -6.21
N ALA A 79 18.31 7.29 -6.61
CA ALA A 79 19.58 7.74 -6.03
C ALA A 79 19.54 7.78 -4.51
N THR A 80 18.45 8.30 -3.93
CA THR A 80 18.34 8.39 -2.48
C THR A 80 18.25 7.04 -1.72
N VAL A 81 17.48 6.09 -2.24
CA VAL A 81 17.33 4.76 -1.63
C VAL A 81 18.65 3.97 -1.76
N LEU A 82 19.35 4.22 -2.87
CA LEU A 82 20.66 3.61 -3.11
C LEU A 82 21.68 3.97 -2.03
N GLN A 83 21.39 5.01 -1.23
CA GLN A 83 22.23 5.43 -0.13
C GLN A 83 21.74 4.88 1.19
N GLN A 84 20.67 4.09 1.17
CA GLN A 84 20.09 3.57 2.44
C GLN A 84 20.51 2.14 2.64
N THR A 85 19.97 1.50 3.67
CA THR A 85 20.38 0.12 3.94
C THR A 85 19.87 -0.84 2.89
N TYR A 86 18.60 -0.70 2.51
CA TYR A 86 17.95 -1.64 1.59
C TYR A 86 17.66 -1.00 0.23
N HIS A 87 18.25 -1.57 -0.81
CA HIS A 87 18.13 -1.01 -2.16
C HIS A 87 18.41 -2.06 -3.23
N ALA A 88 18.12 -1.67 -4.48
CA ALA A 88 18.21 -2.54 -5.66
C ALA A 88 19.61 -2.96 -6.10
N HIS A 89 20.65 -2.31 -5.60
CA HIS A 89 22.04 -2.69 -5.95
C HIS A 89 22.71 -3.65 -4.98
N ARG A 90 22.00 -4.03 -3.91
CA ARG A 90 22.49 -5.04 -2.97
C ARG A 90 22.75 -6.40 -3.66
N SER A 91 23.75 -7.13 -3.21
CA SER A 91 24.03 -8.44 -3.80
C SER A 91 22.86 -9.43 -3.62
N ASP A 92 22.06 -9.22 -2.57
CA ASP A 92 20.90 -10.09 -2.32
C ASP A 92 19.56 -9.45 -2.76
N ALA A 93 19.66 -8.41 -3.61
CA ALA A 93 18.46 -7.68 -3.99
C ALA A 93 17.38 -8.56 -4.63
N LEU A 94 17.78 -9.56 -5.43
CA LEU A 94 16.76 -10.43 -6.04
C LEU A 94 15.97 -11.23 -5.00
N GLN A 95 16.71 -11.86 -4.11
CA GLN A 95 16.13 -12.65 -3.06
C GLN A 95 15.23 -11.77 -2.19
N LEU A 96 15.58 -10.50 -2.04
CA LEU A 96 14.77 -9.61 -1.19
C LEU A 96 13.61 -8.94 -1.93
N GLY A 97 13.56 -9.13 -3.25
CA GLY A 97 12.52 -8.50 -4.04
C GLY A 97 12.75 -7.02 -4.32
N LEU A 98 13.99 -6.57 -4.17
CA LEU A 98 14.29 -5.15 -4.32
C LEU A 98 14.79 -4.97 -5.75
N GLY A 99 14.03 -4.24 -6.55
CA GLY A 99 14.35 -4.13 -7.96
C GLY A 99 14.14 -2.73 -8.47
N LYS A 100 13.96 -2.63 -9.80
CA LYS A 100 13.71 -1.35 -10.45
C LYS A 100 12.22 -1.13 -10.42
N HIS A 101 11.70 -0.81 -9.22
CA HIS A 101 10.28 -0.61 -8.98
C HIS A 101 10.17 0.09 -7.61
N ASN A 102 8.97 0.53 -7.26
CA ASN A 102 8.75 1.14 -5.92
C ASN A 102 7.74 0.37 -5.08
N TYR A 103 7.84 -0.97 -5.13
CA TYR A 103 6.84 -1.79 -4.48
C TYR A 103 7.23 -2.10 -3.05
N CYS A 104 6.21 -2.16 -2.18
CA CYS A 104 6.37 -2.53 -0.76
C CYS A 104 7.03 -3.85 -0.55
N ARG A 105 8.07 -3.85 0.30
CA ARG A 105 8.80 -5.09 0.62
C ARG A 105 9.01 -5.20 2.14
N ASN A 106 9.71 -6.24 2.56
CA ASN A 106 9.97 -6.42 3.99
C ASN A 106 11.28 -7.13 4.24
N PRO A 107 12.42 -6.51 3.81
CA PRO A 107 13.68 -7.28 3.78
C PRO A 107 14.25 -7.54 5.17
N ASP A 108 13.81 -6.75 6.15
CA ASP A 108 14.32 -6.89 7.52
C ASP A 108 13.31 -7.52 8.43
N ASN A 109 12.25 -8.11 7.87
CA ASN A 109 11.31 -8.90 8.68
C ASN A 109 10.61 -8.09 9.79
N ARG A 110 10.18 -6.88 9.41
CA ARG A 110 9.27 -6.11 10.23
C ARG A 110 7.90 -6.80 10.26
N ARG A 111 6.95 -6.24 11.04
CA ARG A 111 5.62 -6.87 11.25
C ARG A 111 4.75 -6.83 9.97
N ARG A 112 5.09 -5.91 9.06
CA ARG A 112 4.39 -5.80 7.76
C ARG A 112 5.24 -5.08 6.69
N PRO A 113 4.89 -5.26 5.37
CA PRO A 113 5.59 -4.58 4.29
C PRO A 113 5.71 -3.05 4.45
N TRP A 114 6.76 -2.50 3.86
CA TRP A 114 7.11 -1.09 3.99
C TRP A 114 7.89 -0.61 2.77
N CYS A 115 8.14 0.69 2.69
CA CYS A 115 9.03 1.22 1.67
C CYS A 115 9.56 2.54 2.22
N TYR A 116 10.60 3.07 1.60
CA TYR A 116 11.08 4.41 1.92
C TYR A 116 10.16 5.38 1.24
N VAL A 117 9.82 6.42 2.00
CA VAL A 117 9.00 7.50 1.48
C VAL A 117 9.74 8.80 1.71
N GLN A 118 9.67 9.71 0.74
CA GLN A 118 10.32 11.02 0.89
C GLN A 118 9.47 11.85 1.83
N VAL A 119 9.98 12.16 3.03
CA VAL A 119 9.27 12.96 4.06
C VAL A 119 10.16 14.18 4.31
N GLY A 120 9.76 15.31 3.73
CA GLY A 120 10.61 16.50 3.64
C GLY A 120 11.97 16.16 3.08
N LEU A 121 12.96 16.31 3.94
CA LEU A 121 14.39 16.20 3.60
C LEU A 121 14.88 14.74 3.41
N LYS A 122 14.33 13.82 4.19
CA LYS A 122 14.87 12.46 4.23
C LYS A 122 13.90 11.36 3.78
N PRO A 123 14.46 10.26 3.23
CA PRO A 123 13.64 9.07 3.00
C PRO A 123 13.47 8.36 4.33
N LEU A 124 12.23 8.00 4.67
CA LEU A 124 11.92 7.37 5.93
C LEU A 124 11.21 6.04 5.64
N VAL A 125 11.50 5.03 6.43
CA VAL A 125 10.80 3.73 6.39
C VAL A 125 9.37 4.00 6.83
N GLN A 126 8.42 3.69 5.97
CA GLN A 126 7.01 3.86 6.28
C GLN A 126 6.27 2.58 5.91
N GLU A 127 5.29 2.20 6.73
CA GLU A 127 4.50 0.99 6.46
C GLU A 127 3.57 1.19 5.27
N CYS A 128 3.31 0.08 4.56
CA CYS A 128 2.51 0.13 3.36
C CYS A 128 1.03 -0.02 3.61
N MET A 129 0.24 0.60 2.73
CA MET A 129 -1.20 0.54 2.85
C MET A 129 -1.78 -0.90 2.70
N VAL A 130 -1.13 -1.76 1.92
CA VAL A 130 -1.56 -3.18 1.70
C VAL A 130 -2.08 -3.85 2.94
N HIS A 131 -3.14 -4.65 2.78
CA HIS A 131 -3.77 -5.32 3.93
C HIS A 131 -3.32 -6.77 4.04
N ASP A 132 -3.46 -7.30 5.25
CA ASP A 132 -3.19 -8.68 5.58
C ASP A 132 -4.31 -9.53 4.94
N CYS A 133 -3.94 -10.59 4.22
CA CYS A 133 -4.94 -11.48 3.62
C CYS A 133 -5.98 -12.02 4.63
N ALA A 134 -5.65 -11.98 5.92
CA ALA A 134 -6.53 -12.49 7.00
C ALA A 134 -7.66 -11.53 7.39
N GLN B 8 -56.21 -18.23 -0.84
CA GLN B 8 -56.36 -16.82 -1.35
C GLN B 8 -55.01 -16.30 -1.83
N VAL B 9 -54.95 -15.90 -3.10
CA VAL B 9 -53.71 -15.41 -3.73
C VAL B 9 -53.27 -14.07 -3.11
N PRO B 10 -51.96 -13.94 -2.76
CA PRO B 10 -51.44 -12.70 -2.18
C PRO B 10 -51.61 -11.47 -3.11
N SER B 11 -52.00 -10.31 -2.55
CA SER B 11 -52.00 -9.04 -3.29
C SER B 11 -51.33 -7.87 -2.52
N ASN B 12 -50.51 -7.10 -3.24
CA ASN B 12 -50.07 -5.79 -2.74
C ASN B 12 -49.41 -4.97 -3.84
N CYS B 13 -49.33 -3.65 -3.60
CA CYS B 13 -48.45 -2.73 -4.32
C CYS B 13 -47.45 -2.14 -3.33
N ASP B 14 -47.26 -0.82 -3.31
CA ASP B 14 -46.19 -0.20 -2.52
C ASP B 14 -44.87 -0.85 -2.85
N CYS B 15 -44.47 -0.74 -4.13
CA CYS B 15 -43.28 -1.45 -4.64
C CYS B 15 -42.10 -0.49 -4.60
N LEU B 16 -41.12 -0.80 -3.75
CA LEU B 16 -40.01 0.12 -3.48
C LEU B 16 -38.91 -0.10 -4.50
N ASN B 17 -37.92 0.79 -4.48
CA ASN B 17 -36.62 0.56 -5.11
C ASN B 17 -36.68 0.31 -6.60
N GLY B 18 -37.58 1.02 -7.28
CA GLY B 18 -37.74 0.92 -8.73
C GLY B 18 -38.68 -0.20 -9.20
N GLY B 19 -39.26 -0.94 -8.25
CA GLY B 19 -40.25 -1.96 -8.56
C GLY B 19 -41.53 -1.33 -9.16
N THR B 20 -42.26 -2.13 -9.93
CA THR B 20 -43.52 -1.72 -10.57
C THR B 20 -44.66 -2.64 -10.12
N CYS B 21 -45.82 -2.06 -9.81
CA CYS B 21 -46.98 -2.88 -9.49
C CYS B 21 -47.61 -3.38 -10.78
N VAL B 22 -47.76 -4.69 -10.89
CA VAL B 22 -48.31 -5.35 -12.06
C VAL B 22 -49.64 -5.99 -11.66
N SER B 23 -50.62 -5.98 -12.55
CA SER B 23 -51.87 -6.66 -12.23
C SER B 23 -51.65 -8.17 -12.43
N ASN B 24 -52.33 -8.96 -11.61
CA ASN B 24 -52.37 -10.40 -11.79
C ASN B 24 -53.02 -10.77 -13.09
N LYS B 25 -52.38 -11.65 -13.82
CA LYS B 25 -52.82 -12.04 -15.14
C LYS B 25 -54.15 -12.86 -15.14
N TYR B 26 -54.43 -13.56 -14.04
CA TYR B 26 -55.60 -14.47 -13.95
C TYR B 26 -56.77 -14.03 -13.03
N PHE B 27 -56.48 -13.11 -12.10
CA PHE B 27 -57.44 -12.68 -11.08
C PHE B 27 -57.65 -11.19 -11.16
N SER B 28 -58.89 -10.75 -11.17
CA SER B 28 -59.15 -9.33 -11.07
C SER B 28 -58.82 -8.84 -9.67
N ASN B 29 -58.36 -7.59 -9.60
CA ASN B 29 -58.27 -6.88 -8.32
C ASN B 29 -57.15 -7.37 -7.40
N ILE B 30 -56.18 -8.08 -8.00
CA ILE B 30 -54.97 -8.56 -7.33
C ILE B 30 -53.79 -7.99 -8.11
N HIS B 31 -52.76 -7.62 -7.37
CA HIS B 31 -51.56 -6.98 -7.90
C HIS B 31 -50.35 -7.56 -7.18
N TRP B 32 -49.18 -7.43 -7.81
CA TRP B 32 -47.90 -7.83 -7.22
C TRP B 32 -46.75 -6.90 -7.74
N CYS B 33 -45.68 -6.85 -6.97
CA CYS B 33 -44.53 -6.00 -7.31
C CYS B 33 -43.52 -6.75 -8.15
N ASN B 34 -43.31 -6.28 -9.37
CA ASN B 34 -42.21 -6.77 -10.21
C ASN B 34 -40.97 -5.98 -9.80
N CYS B 35 -39.94 -6.67 -9.32
CA CYS B 35 -38.75 -6.02 -8.77
C CYS B 35 -37.59 -6.03 -9.75
N PRO B 36 -36.74 -4.98 -9.74
CA PRO B 36 -35.49 -5.08 -10.49
C PRO B 36 -34.65 -6.22 -9.86
N LYS B 37 -33.76 -6.84 -10.64
CA LYS B 37 -33.13 -8.11 -10.21
C LYS B 37 -32.27 -8.03 -8.93
N LYS B 38 -31.71 -6.85 -8.65
CA LYS B 38 -30.97 -6.55 -7.43
C LYS B 38 -31.83 -6.58 -6.17
N PHE B 39 -33.17 -6.51 -6.32
CA PHE B 39 -34.06 -6.41 -5.15
C PHE B 39 -35.04 -7.58 -5.06
N GLY B 40 -35.46 -7.93 -3.85
CA GLY B 40 -36.52 -8.92 -3.67
C GLY B 40 -37.45 -8.61 -2.53
N GLY B 41 -38.42 -9.51 -2.30
CA GLY B 41 -39.46 -9.28 -1.28
C GLY B 41 -40.78 -8.87 -1.93
N GLN B 42 -41.84 -9.00 -1.14
CA GLN B 42 -43.19 -8.61 -1.51
C GLN B 42 -43.27 -7.17 -2.07
N HIS B 43 -42.42 -6.31 -1.52
CA HIS B 43 -42.38 -4.90 -1.82
C HIS B 43 -41.06 -4.43 -2.42
N CYS B 44 -40.26 -5.36 -2.95
CA CYS B 44 -38.89 -5.10 -3.45
C CYS B 44 -38.03 -4.41 -2.36
N GLU B 45 -38.24 -4.79 -1.11
CA GLU B 45 -37.71 -4.03 0.02
C GLU B 45 -36.34 -4.52 0.50
N ILE B 46 -35.91 -5.69 0.02
CA ILE B 46 -34.57 -6.24 0.32
C ILE B 46 -33.60 -6.03 -0.85
N ASP B 47 -32.47 -5.35 -0.57
CA ASP B 47 -31.37 -5.19 -1.53
C ASP B 47 -30.51 -6.46 -1.44
N LYS B 48 -30.65 -7.31 -2.43
CA LYS B 48 -29.97 -8.60 -2.41
C LYS B 48 -28.47 -8.52 -2.72
N SER B 49 -28.04 -7.39 -3.29
CA SER B 49 -26.69 -7.31 -3.82
C SER B 49 -25.75 -6.34 -3.11
N LYS B 50 -26.29 -5.34 -2.42
CA LYS B 50 -25.47 -4.27 -1.86
C LYS B 50 -24.56 -4.80 -0.75
N THR B 51 -23.28 -4.48 -0.83
CA THR B 51 -22.34 -5.02 0.17
C THR B 51 -21.77 -3.95 1.12
N CYS B 52 -22.24 -2.71 0.98
CA CYS B 52 -21.74 -1.62 1.81
C CYS B 52 -22.84 -0.58 1.92
N TYR B 53 -22.63 0.44 2.75
CA TYR B 53 -23.66 1.48 2.93
C TYR B 53 -23.08 2.80 2.43
N GLU B 54 -23.96 3.72 2.05
CA GLU B 54 -23.54 5.08 1.64
C GLU B 54 -24.03 6.14 2.61
N GLY B 55 -23.23 7.18 2.78
CA GLY B 55 -23.50 8.23 3.76
C GLY B 55 -23.59 7.62 5.14
N ASN B 56 -24.71 7.84 5.83
CA ASN B 56 -24.90 7.24 7.18
C ASN B 56 -25.60 5.90 7.12
N GLY B 57 -25.89 5.42 5.90
CA GLY B 57 -26.58 4.14 5.72
C GLY B 57 -28.04 4.20 6.13
N HIS B 58 -28.59 5.40 6.21
CA HIS B 58 -30.02 5.62 6.52
C HIS B 58 -30.93 4.83 5.55
N PHE B 59 -30.52 4.70 4.30
CA PHE B 59 -31.33 3.98 3.30
C PHE B 59 -30.72 2.63 2.87
N TYR B 60 -29.76 2.17 3.65
CA TYR B 60 -29.21 0.82 3.49
C TYR B 60 -30.32 -0.24 3.72
N ARG B 61 -30.45 -1.13 2.75
CA ARG B 61 -31.44 -2.20 2.78
C ARG B 61 -30.82 -3.54 2.45
N GLY B 62 -29.51 -3.69 2.60
CA GLY B 62 -28.85 -4.99 2.30
C GLY B 62 -28.96 -6.05 3.41
N LYS B 63 -28.19 -7.13 3.27
CA LYS B 63 -28.45 -8.28 4.13
C LYS B 63 -27.38 -8.48 5.21
N ALA B 64 -26.56 -7.47 5.49
CA ALA B 64 -25.63 -7.57 6.64
C ALA B 64 -26.42 -7.80 7.94
N SER B 65 -25.89 -8.70 8.79
CA SER B 65 -26.67 -9.11 9.97
C SER B 65 -25.74 -9.43 11.13
N THR B 66 -24.57 -8.77 11.13
CA THR B 66 -23.52 -9.00 12.14
C THR B 66 -23.01 -7.66 12.73
N ASP B 67 -22.84 -7.59 14.04
CA ASP B 67 -22.29 -6.38 14.64
C ASP B 67 -20.76 -6.36 14.58
N THR B 68 -20.16 -5.25 15.00
CA THR B 68 -18.71 -5.07 14.92
C THR B 68 -17.94 -6.05 15.80
N MET B 69 -18.63 -6.71 16.74
CA MET B 69 -17.98 -7.68 17.59
C MET B 69 -18.21 -9.09 17.11
N GLY B 70 -18.82 -9.24 15.94
CA GLY B 70 -19.01 -10.56 15.35
C GLY B 70 -20.18 -11.32 15.95
N ARG B 71 -21.16 -10.60 16.48
CA ARG B 71 -22.37 -11.22 17.04
C ARG B 71 -23.57 -11.03 16.09
N PRO B 72 -24.49 -12.01 16.04
CA PRO B 72 -25.65 -11.87 15.17
C PRO B 72 -26.66 -10.84 15.69
N CYS B 73 -27.22 -10.08 14.76
CA CYS B 73 -28.33 -9.16 15.03
C CYS B 73 -29.56 -9.98 15.45
N LEU B 74 -30.37 -9.39 16.34
CA LEU B 74 -31.68 -9.93 16.64
C LEU B 74 -32.64 -9.57 15.53
N PRO B 75 -33.60 -10.46 15.26
CA PRO B 75 -34.65 -10.23 14.28
C PRO B 75 -35.55 -9.05 14.70
N TRP B 76 -35.97 -8.24 13.73
CA TRP B 76 -36.83 -7.10 14.04
C TRP B 76 -38.22 -7.55 14.51
N ASN B 77 -38.57 -8.81 14.27
CA ASN B 77 -39.87 -9.36 14.73
C ASN B 77 -39.71 -10.35 15.85
N SER B 78 -38.53 -10.35 16.49
CA SER B 78 -38.38 -11.21 17.66
C SER B 78 -39.18 -10.60 18.83
N ALA B 79 -39.65 -11.41 19.77
CA ALA B 79 -40.41 -10.91 20.94
C ALA B 79 -39.72 -9.75 21.70
N THR B 80 -38.40 -9.90 21.92
CA THR B 80 -37.64 -8.88 22.64
C THR B 80 -37.54 -7.56 21.85
N VAL B 81 -37.22 -7.62 20.57
CA VAL B 81 -37.13 -6.42 19.74
C VAL B 81 -38.50 -5.76 19.61
N LEU B 82 -39.57 -6.55 19.57
CA LEU B 82 -40.91 -5.96 19.53
C LEU B 82 -41.29 -5.14 20.77
N GLN B 83 -40.49 -5.23 21.84
CA GLN B 83 -40.67 -4.38 23.03
C GLN B 83 -39.74 -3.16 23.05
N GLN B 84 -38.96 -2.99 21.97
CA GLN B 84 -38.02 -1.88 21.86
C GLN B 84 -38.59 -0.74 20.99
N THR B 85 -37.82 0.32 20.76
CA THR B 85 -38.35 1.42 19.96
C THR B 85 -38.61 1.06 18.50
N TYR B 86 -37.67 0.34 17.90
CA TYR B 86 -37.72 0.05 16.47
C TYR B 86 -37.91 -1.43 16.22
N HIS B 87 -38.96 -1.79 15.48
CA HIS B 87 -39.30 -3.21 15.27
C HIS B 87 -40.21 -3.36 14.08
N ALA B 88 -40.43 -4.60 13.66
CA ALA B 88 -41.20 -4.93 12.48
C ALA B 88 -42.69 -4.65 12.56
N HIS B 89 -43.22 -4.40 13.76
CA HIS B 89 -44.68 -4.11 13.89
C HIS B 89 -45.06 -2.63 13.85
N ARG B 90 -44.08 -1.73 13.82
CA ARG B 90 -44.30 -0.28 13.62
C ARG B 90 -45.10 -0.02 12.34
N SER B 91 -46.02 0.94 12.40
CA SER B 91 -46.79 1.31 11.21
C SER B 91 -45.87 1.83 10.06
N ASP B 92 -44.69 2.34 10.39
CA ASP B 92 -43.73 2.77 9.35
C ASP B 92 -42.61 1.74 9.03
N ALA B 93 -42.81 0.49 9.47
CA ALA B 93 -41.76 -0.51 9.40
C ALA B 93 -41.29 -0.74 7.97
N LEU B 94 -42.22 -0.73 7.00
CA LEU B 94 -41.80 -0.91 5.58
C LEU B 94 -40.84 0.19 5.13
N GLN B 95 -41.21 1.44 5.37
CA GLN B 95 -40.41 2.61 4.99
C GLN B 95 -39.02 2.56 5.64
N LEU B 96 -38.97 1.94 6.82
CA LEU B 96 -37.72 1.89 7.61
C LEU B 96 -36.90 0.64 7.31
N GLY B 97 -37.46 -0.23 6.47
CA GLY B 97 -36.85 -1.53 6.17
C GLY B 97 -36.80 -2.50 7.34
N LEU B 98 -37.70 -2.36 8.30
CA LEU B 98 -37.72 -3.27 9.45
C LEU B 98 -38.73 -4.38 9.16
N GLY B 99 -38.26 -5.61 9.01
CA GLY B 99 -39.16 -6.68 8.58
C GLY B 99 -38.88 -7.96 9.31
N LYS B 100 -39.36 -9.05 8.75
CA LYS B 100 -39.09 -10.39 9.25
C LYS B 100 -37.66 -10.86 8.84
N HIS B 101 -36.67 -10.19 9.42
CA HIS B 101 -35.25 -10.50 9.16
C HIS B 101 -34.44 -9.90 10.30
N ASN B 102 -33.13 -10.13 10.29
CA ASN B 102 -32.27 -9.54 11.30
C ASN B 102 -31.18 -8.67 10.65
N TYR B 103 -31.56 -7.87 9.65
CA TYR B 103 -30.58 -7.12 8.88
C TYR B 103 -30.33 -5.76 9.48
N CYS B 104 -29.06 -5.32 9.45
CA CYS B 104 -28.65 -3.96 9.86
C CYS B 104 -29.48 -2.85 9.22
N ARG B 105 -30.02 -1.97 10.04
CA ARG B 105 -30.76 -0.82 9.54
C ARG B 105 -30.35 0.47 10.28
N ASN B 106 -30.99 1.56 9.94
CA ASN B 106 -30.64 2.81 10.57
C ASN B 106 -31.87 3.73 10.67
N PRO B 107 -32.89 3.29 11.43
CA PRO B 107 -34.18 4.04 11.37
C PRO B 107 -34.17 5.35 12.11
N ASP B 108 -33.17 5.58 12.96
CA ASP B 108 -33.05 6.83 13.73
C ASP B 108 -31.90 7.69 13.24
N ASN B 109 -31.36 7.39 12.06
CA ASN B 109 -30.36 8.27 11.45
C ASN B 109 -29.10 8.46 12.34
N ARG B 110 -28.61 7.36 12.90
CA ARG B 110 -27.31 7.38 13.53
C ARG B 110 -26.23 7.52 12.44
N ARG B 111 -24.96 7.52 12.82
CA ARG B 111 -23.86 7.71 11.87
C ARG B 111 -23.63 6.48 10.94
N ARG B 112 -24.18 5.32 11.31
CA ARG B 112 -23.83 4.03 10.67
C ARG B 112 -24.96 3.04 10.94
N PRO B 113 -25.22 2.04 10.04
CA PRO B 113 -26.27 1.03 10.39
C PRO B 113 -25.96 0.22 11.65
N TRP B 114 -27.02 -0.33 12.25
CA TRP B 114 -26.93 -1.00 13.55
C TRP B 114 -28.06 -2.02 13.67
N CYS B 115 -28.04 -2.80 14.74
CA CYS B 115 -29.18 -3.69 15.01
C CYS B 115 -29.15 -3.93 16.50
N TYR B 116 -30.25 -4.44 17.05
CA TYR B 116 -30.24 -4.89 18.45
C TYR B 116 -29.53 -6.23 18.50
N VAL B 117 -28.68 -6.41 19.52
CA VAL B 117 -27.91 -7.62 19.74
C VAL B 117 -28.22 -8.06 21.18
N GLN B 118 -28.47 -9.34 21.36
CA GLN B 118 -28.54 -9.90 22.72
C GLN B 118 -27.20 -9.86 23.46
N VAL B 119 -27.15 -9.04 24.53
CA VAL B 119 -25.95 -8.88 25.35
C VAL B 119 -26.33 -9.23 26.77
N GLY B 120 -26.04 -10.49 27.12
CA GLY B 120 -26.54 -11.13 28.32
C GLY B 120 -28.04 -11.03 28.39
N LEU B 121 -28.44 -10.22 29.35
CA LEU B 121 -29.81 -9.96 29.72
C LEU B 121 -30.60 -9.24 28.61
N LYS B 122 -30.00 -8.18 28.06
CA LYS B 122 -30.77 -7.18 27.34
C LYS B 122 -30.40 -7.06 25.84
N PRO B 123 -31.37 -6.64 25.00
CA PRO B 123 -31.04 -6.24 23.64
C PRO B 123 -30.44 -4.84 23.67
N LEU B 124 -29.32 -4.66 22.98
CA LEU B 124 -28.59 -3.39 22.99
C LEU B 124 -28.35 -3.00 21.53
N VAL B 125 -28.44 -1.71 21.23
CA VAL B 125 -28.11 -1.18 19.89
C VAL B 125 -26.63 -1.36 19.76
N GLN B 126 -26.19 -2.01 18.68
CA GLN B 126 -24.77 -2.23 18.40
C GLN B 126 -24.58 -1.91 16.93
N GLU B 127 -23.47 -1.27 16.60
CA GLU B 127 -23.18 -0.95 15.20
C GLU B 127 -22.84 -2.18 14.40
N CYS B 128 -23.14 -2.14 13.10
CA CYS B 128 -22.95 -3.30 12.26
C CYS B 128 -21.59 -3.31 11.60
N MET B 129 -21.13 -4.52 11.30
CA MET B 129 -19.81 -4.76 10.75
C MET B 129 -19.63 -4.13 9.36
N VAL B 130 -20.71 -4.10 8.61
CA VAL B 130 -20.75 -3.63 7.21
C VAL B 130 -20.05 -2.29 7.02
N HIS B 131 -19.41 -2.11 5.88
CA HIS B 131 -18.55 -0.94 5.67
C HIS B 131 -19.17 0.13 4.81
N ASP B 132 -18.63 1.34 4.93
CA ASP B 132 -18.93 2.46 4.02
C ASP B 132 -18.42 2.11 2.62
N CYS B 133 -19.27 2.25 1.60
CA CYS B 133 -18.80 2.08 0.21
C CYS B 133 -17.61 2.98 -0.13
N ALA B 134 -17.43 4.07 0.60
CA ALA B 134 -16.35 5.03 0.27
C ALA B 134 -14.93 4.52 0.59
N CYS C 13 23.87 13.35 -46.22
CA CYS C 13 24.28 12.87 -44.89
C CYS C 13 23.32 13.26 -43.76
N ASP C 14 22.38 14.17 -44.04
CA ASP C 14 21.55 14.81 -43.01
C ASP C 14 22.34 15.37 -41.83
N CYS C 15 23.23 16.34 -42.06
CA CYS C 15 24.05 16.86 -40.95
C CYS C 15 23.28 18.05 -40.41
N LEU C 16 23.04 18.06 -39.10
CA LEU C 16 22.39 19.19 -38.50
C LEU C 16 23.37 20.22 -37.97
N ASN C 17 22.83 21.37 -37.58
CA ASN C 17 23.57 22.31 -36.73
C ASN C 17 24.89 22.83 -37.28
N GLY C 18 24.93 23.09 -38.58
CA GLY C 18 26.16 23.60 -39.19
C GLY C 18 27.22 22.54 -39.44
N GLY C 19 26.86 21.26 -39.29
CA GLY C 19 27.77 20.16 -39.59
C GLY C 19 27.98 19.95 -41.08
N THR C 20 29.07 19.28 -41.44
CA THR C 20 29.50 19.17 -42.84
C THR C 20 29.33 17.72 -43.31
N CYS C 21 28.66 17.53 -44.43
CA CYS C 21 28.52 16.19 -45.00
C CYS C 21 29.80 15.77 -45.78
N VAL C 22 30.38 14.63 -45.41
CA VAL C 22 31.56 14.10 -46.10
C VAL C 22 31.07 12.80 -46.76
N SER C 23 31.23 12.70 -48.07
CA SER C 23 30.68 11.58 -48.82
C SER C 23 31.66 11.11 -49.90
N ASN C 24 31.75 9.79 -50.08
CA ASN C 24 32.46 9.26 -51.23
C ASN C 24 31.68 9.57 -52.52
N LYS C 25 32.35 10.20 -53.46
CA LYS C 25 31.79 10.68 -54.74
C LYS C 25 31.49 9.52 -55.73
N TYR C 26 31.55 8.28 -55.25
CA TYR C 26 31.37 7.09 -56.09
C TYR C 26 30.54 6.05 -55.36
N PHE C 27 30.57 6.11 -54.03
CA PHE C 27 29.82 5.22 -53.15
C PHE C 27 29.05 6.07 -52.14
N SER C 28 27.86 6.52 -52.51
CA SER C 28 27.11 7.45 -51.65
C SER C 28 26.79 6.93 -50.24
N ASN C 29 26.72 5.60 -50.06
CA ASN C 29 26.56 4.99 -48.73
C ASN C 29 27.76 5.13 -47.77
N ILE C 30 28.91 5.55 -48.30
CA ILE C 30 30.09 5.79 -47.46
C ILE C 30 30.14 7.31 -47.18
N HIS C 31 29.69 7.70 -46.00
CA HIS C 31 29.56 9.14 -45.67
C HIS C 31 29.44 9.30 -44.17
N TRP C 32 29.76 10.49 -43.69
CA TRP C 32 29.62 10.83 -42.28
C TRP C 32 29.46 12.34 -42.15
N CYS C 33 29.23 12.81 -40.94
CA CYS C 33 29.18 14.26 -40.69
C CYS C 33 30.41 14.68 -39.92
N ASN C 34 31.00 15.80 -40.34
CA ASN C 34 31.97 16.44 -39.48
C ASN C 34 31.24 17.59 -38.74
N CYS C 35 31.28 17.54 -37.41
CA CYS C 35 30.46 18.41 -36.55
C CYS C 35 31.24 19.60 -35.96
N PRO C 36 30.54 20.71 -35.71
CA PRO C 36 31.15 21.82 -34.99
C PRO C 36 31.45 21.33 -33.56
N LYS C 37 32.32 22.04 -32.87
CA LYS C 37 32.81 21.63 -31.55
C LYS C 37 31.71 21.31 -30.55
N LYS C 38 30.65 22.10 -30.54
CA LYS C 38 29.60 21.94 -29.52
C LYS C 38 28.61 20.79 -29.78
N PHE C 39 28.66 20.18 -30.98
CA PHE C 39 27.68 19.17 -31.32
C PHE C 39 28.27 17.79 -31.50
N GLY C 40 27.54 16.79 -31.05
CA GLY C 40 27.94 15.41 -31.24
C GLY C 40 26.88 14.54 -31.89
N GLY C 41 27.11 13.23 -31.88
CA GLY C 41 26.23 12.31 -32.55
C GLY C 41 26.54 12.23 -34.04
N GLN C 42 26.03 11.17 -34.67
CA GLN C 42 26.33 10.85 -36.07
C GLN C 42 25.85 11.95 -37.04
N HIS C 43 24.85 12.71 -36.60
CA HIS C 43 24.27 13.77 -37.43
C HIS C 43 24.45 15.17 -36.82
N CYS C 44 25.41 15.29 -35.89
CA CYS C 44 25.63 16.56 -35.17
C CYS C 44 24.36 17.00 -34.42
N GLU C 45 23.53 16.05 -34.05
CA GLU C 45 22.23 16.36 -33.45
C GLU C 45 22.20 16.40 -31.89
N ILE C 46 23.30 16.03 -31.24
CA ILE C 46 23.43 16.11 -29.73
C ILE C 46 24.10 17.45 -29.34
N ASP C 47 23.41 18.30 -28.59
CA ASP C 47 24.03 19.54 -28.11
C ASP C 47 24.81 19.22 -26.83
N LYS C 48 26.14 19.17 -26.94
CA LYS C 48 27.00 18.69 -25.85
C LYS C 48 27.13 19.65 -24.68
N SER C 49 26.83 20.91 -24.90
CA SER C 49 27.09 21.93 -23.89
C SER C 49 25.80 22.38 -23.22
N LYS C 50 24.66 22.21 -23.86
CA LYS C 50 23.40 22.71 -23.30
C LYS C 50 23.14 22.10 -21.90
N THR C 51 22.96 22.95 -20.89
CA THR C 51 22.77 22.50 -19.51
C THR C 51 21.32 22.59 -19.01
N CYS C 52 20.41 23.11 -19.84
CA CYS C 52 19.05 23.47 -19.39
C CYS C 52 18.14 23.49 -20.59
N TYR C 53 16.82 23.55 -20.37
CA TYR C 53 15.88 23.58 -21.49
C TYR C 53 15.15 24.91 -21.55
N GLU C 54 14.66 25.25 -22.74
CA GLU C 54 13.87 26.47 -22.96
C GLU C 54 12.45 26.10 -23.35
N GLY C 55 11.49 26.93 -22.97
CA GLY C 55 10.07 26.68 -23.21
C GLY C 55 9.58 25.39 -22.54
N ASN C 56 9.05 24.47 -23.34
CA ASN C 56 8.68 23.15 -22.85
C ASN C 56 9.73 22.08 -23.19
N GLY C 57 10.87 22.48 -23.74
CA GLY C 57 11.98 21.53 -24.02
C GLY C 57 11.80 20.67 -25.26
N HIS C 58 10.78 20.99 -26.09
CA HIS C 58 10.57 20.27 -27.38
C HIS C 58 11.85 20.23 -28.24
N PHE C 59 12.62 21.31 -28.21
CA PHE C 59 13.85 21.39 -28.99
C PHE C 59 15.10 21.17 -28.15
N TYR C 60 14.92 20.76 -26.91
CA TYR C 60 16.06 20.36 -26.07
C TYR C 60 16.82 19.15 -26.65
N ARG C 61 18.14 19.27 -26.82
CA ARG C 61 18.95 18.17 -27.37
C ARG C 61 20.22 17.92 -26.56
N GLY C 62 20.19 18.33 -25.30
CA GLY C 62 21.28 18.12 -24.36
C GLY C 62 21.36 16.68 -23.84
N LYS C 63 22.21 16.48 -22.86
CA LYS C 63 22.61 15.14 -22.49
C LYS C 63 22.17 14.72 -21.08
N ALA C 64 21.22 15.44 -20.49
CA ALA C 64 20.59 14.99 -19.26
C ALA C 64 20.01 13.60 -19.50
N SER C 65 20.12 12.68 -18.54
CA SER C 65 19.82 11.25 -18.83
C SER C 65 19.27 10.52 -17.61
N THR C 66 18.75 11.29 -16.65
CA THR C 66 18.14 10.63 -15.47
C THR C 66 16.83 11.32 -15.16
N ASP C 67 15.98 10.66 -14.38
CA ASP C 67 14.72 11.27 -13.99
C ASP C 67 14.91 12.01 -12.70
N THR C 68 13.81 12.54 -12.16
CA THR C 68 13.89 13.37 -10.98
C THR C 68 14.28 12.55 -9.76
N MET C 69 14.09 11.23 -9.82
CA MET C 69 14.52 10.35 -8.72
C MET C 69 15.95 9.82 -8.91
N GLY C 70 16.64 10.25 -9.97
CA GLY C 70 18.00 9.80 -10.19
C GLY C 70 18.09 8.45 -10.88
N ARG C 71 16.97 7.95 -11.39
CA ARG C 71 16.99 6.69 -12.14
C ARG C 71 17.41 6.96 -13.60
N PRO C 72 18.19 6.04 -14.19
CA PRO C 72 18.62 6.22 -15.59
C PRO C 72 17.44 6.12 -16.53
N CYS C 73 17.46 6.98 -17.54
CA CYS C 73 16.54 6.90 -18.66
C CYS C 73 16.87 5.65 -19.43
N LEU C 74 15.86 5.03 -20.03
CA LEU C 74 16.03 3.86 -20.89
C LEU C 74 16.48 4.38 -22.27
N PRO C 75 17.45 3.72 -22.92
CA PRO C 75 17.84 4.19 -24.27
C PRO C 75 16.66 4.15 -25.28
N TRP C 76 16.61 5.12 -26.19
CA TRP C 76 15.53 5.22 -27.17
C TRP C 76 15.55 4.05 -28.17
N ASN C 77 16.70 3.37 -28.25
CA ASN C 77 16.85 2.20 -29.12
C ASN C 77 16.93 0.88 -28.35
N SER C 78 16.58 0.91 -27.06
CA SER C 78 16.47 -0.31 -26.28
C SER C 78 15.25 -1.13 -26.75
N ALA C 79 15.32 -2.47 -26.62
CA ALA C 79 14.17 -3.32 -27.03
C ALA C 79 12.87 -2.86 -26.34
N THR C 80 12.96 -2.50 -25.06
CA THR C 80 11.77 -2.01 -24.33
C THR C 80 11.15 -0.74 -24.92
N VAL C 81 11.99 0.24 -25.20
CA VAL C 81 11.49 1.51 -25.77
C VAL C 81 10.97 1.35 -27.23
N LEU C 82 11.61 0.45 -27.99
CA LEU C 82 11.17 0.10 -29.34
C LEU C 82 9.74 -0.48 -29.40
N GLN C 83 9.18 -0.78 -28.22
CA GLN C 83 7.78 -1.23 -28.11
C GLN C 83 6.82 -0.06 -27.79
N GLN C 84 7.37 1.12 -27.50
CA GLN C 84 6.57 2.28 -27.10
C GLN C 84 6.31 3.23 -28.26
N THR C 85 5.56 4.29 -28.02
CA THR C 85 5.28 5.25 -29.10
C THR C 85 6.52 5.95 -29.62
N TYR C 86 7.44 6.30 -28.73
CA TYR C 86 8.52 7.23 -29.09
C TYR C 86 9.81 6.48 -28.96
N HIS C 87 10.46 6.23 -30.09
CA HIS C 87 11.68 5.43 -30.09
C HIS C 87 12.60 5.85 -31.25
N ALA C 88 13.84 5.34 -31.20
CA ALA C 88 14.88 5.72 -32.16
C ALA C 88 14.69 5.18 -33.56
N HIS C 89 13.72 4.26 -33.78
CA HIS C 89 13.50 3.72 -35.14
C HIS C 89 12.29 4.32 -35.86
N ARG C 90 11.68 5.36 -35.28
CA ARG C 90 10.69 6.10 -36.03
C ARG C 90 11.34 6.76 -37.22
N SER C 91 10.57 6.95 -38.29
CA SER C 91 11.03 7.70 -39.46
C SER C 91 11.38 9.16 -39.16
N ASP C 92 10.80 9.76 -38.12
CA ASP C 92 11.14 11.14 -37.73
C ASP C 92 12.05 11.20 -36.51
N ALA C 93 12.76 10.12 -36.22
CA ALA C 93 13.57 10.04 -35.01
C ALA C 93 14.69 11.10 -35.00
N LEU C 94 15.31 11.35 -36.15
CA LEU C 94 16.37 12.38 -36.23
C LEU C 94 15.81 13.74 -35.86
N GLN C 95 14.65 14.09 -36.45
CA GLN C 95 13.98 15.36 -36.19
C GLN C 95 13.61 15.53 -34.71
N LEU C 96 13.28 14.43 -34.04
CA LEU C 96 12.83 14.44 -32.66
C LEU C 96 13.99 14.32 -31.64
N GLY C 97 15.18 14.04 -32.15
CA GLY C 97 16.37 13.82 -31.32
C GLY C 97 16.33 12.51 -30.55
N LEU C 98 15.65 11.49 -31.10
CA LEU C 98 15.62 10.15 -30.48
C LEU C 98 16.63 9.28 -31.19
N GLY C 99 17.69 8.92 -30.48
CA GLY C 99 18.82 8.23 -31.11
C GLY C 99 19.30 7.09 -30.24
N LYS C 100 20.53 6.65 -30.50
CA LYS C 100 21.21 5.61 -29.72
C LYS C 100 21.81 6.16 -28.43
N HIS C 101 20.91 6.57 -27.55
CA HIS C 101 21.29 7.24 -26.34
C HIS C 101 20.08 7.20 -25.41
N ASN C 102 20.28 7.63 -24.16
CA ASN C 102 19.17 7.70 -23.21
C ASN C 102 18.95 9.14 -22.71
N TYR C 103 19.10 10.13 -23.59
CA TYR C 103 18.98 11.52 -23.19
C TYR C 103 17.53 11.94 -23.19
N CYS C 104 17.16 12.76 -22.20
CA CYS C 104 15.76 13.20 -22.06
C CYS C 104 15.34 14.01 -23.26
N ARG C 105 14.07 13.87 -23.67
CA ARG C 105 13.56 14.54 -24.87
C ARG C 105 12.09 14.91 -24.62
N ASN C 106 11.50 15.67 -25.53
CA ASN C 106 10.09 15.97 -25.39
C ASN C 106 9.41 16.00 -26.77
N PRO C 107 9.34 14.81 -27.44
CA PRO C 107 8.82 14.74 -28.82
C PRO C 107 7.35 15.09 -28.95
N ASP C 108 6.60 14.90 -27.87
CA ASP C 108 5.13 15.02 -27.90
C ASP C 108 4.62 16.29 -27.19
N ASN C 109 5.52 17.22 -26.93
CA ASN C 109 5.17 18.52 -26.34
C ASN C 109 4.43 18.35 -25.05
N ARG C 110 4.97 17.53 -24.14
CA ARG C 110 4.56 17.60 -22.76
C ARG C 110 5.04 18.92 -22.17
N ARG C 111 4.90 19.05 -20.86
CA ARG C 111 5.22 20.29 -20.13
C ARG C 111 6.74 20.55 -20.13
N ARG C 112 7.52 19.47 -20.12
CA ARG C 112 8.98 19.55 -19.99
C ARG C 112 9.62 18.22 -20.48
N PRO C 113 10.96 18.15 -20.61
CA PRO C 113 11.57 16.90 -21.08
C PRO C 113 11.33 15.71 -20.15
N TRP C 114 11.34 14.52 -20.74
CA TRP C 114 11.07 13.31 -20.00
C TRP C 114 11.85 12.15 -20.66
N CYS C 115 11.80 10.98 -20.03
CA CYS C 115 12.27 9.78 -20.68
C CYS C 115 11.46 8.61 -20.12
N TYR C 116 11.59 7.46 -20.78
CA TYR C 116 11.03 6.22 -20.29
C TYR C 116 11.96 5.68 -19.24
N VAL C 117 11.38 5.21 -18.13
CA VAL C 117 12.14 4.65 -17.04
C VAL C 117 11.52 3.30 -16.67
N GLN C 118 12.35 2.34 -16.30
CA GLN C 118 11.83 1.04 -15.89
C GLN C 118 11.14 1.13 -14.51
N VAL C 119 9.86 0.83 -14.47
CA VAL C 119 9.14 0.75 -13.20
C VAL C 119 8.45 -0.62 -13.18
N GLY C 120 9.05 -1.56 -12.46
CA GLY C 120 8.48 -2.90 -12.41
C GLY C 120 8.56 -3.51 -13.79
N LEU C 121 7.42 -4.00 -14.30
CA LEU C 121 7.42 -4.78 -15.54
C LEU C 121 7.25 -3.93 -16.80
N LYS C 122 7.06 -2.62 -16.63
CA LYS C 122 6.85 -1.70 -17.79
C LYS C 122 7.71 -0.43 -17.71
N PRO C 123 7.95 0.20 -18.87
CA PRO C 123 8.58 1.53 -18.85
C PRO C 123 7.50 2.58 -18.58
N LEU C 124 7.82 3.61 -17.81
CA LEU C 124 6.86 4.69 -17.54
C LEU C 124 7.50 6.01 -17.94
N VAL C 125 6.70 6.94 -18.46
CA VAL C 125 7.20 8.29 -18.78
C VAL C 125 7.44 8.98 -17.43
N GLN C 126 8.66 9.48 -17.24
CA GLN C 126 9.05 10.21 -16.03
C GLN C 126 9.71 11.54 -16.39
N GLU C 127 9.46 12.54 -15.56
CA GLU C 127 10.08 13.87 -15.71
C GLU C 127 11.58 13.76 -15.60
N CYS C 128 12.27 14.46 -16.50
CA CYS C 128 13.70 14.53 -16.53
C CYS C 128 14.27 15.45 -15.45
N MET C 129 15.45 15.10 -14.95
CA MET C 129 16.21 15.97 -14.06
C MET C 129 16.97 16.93 -14.96
N VAL C 130 16.29 17.96 -15.43
CA VAL C 130 16.92 19.06 -16.18
C VAL C 130 16.04 20.25 -15.87
N HIS C 131 16.62 21.44 -15.77
CA HIS C 131 15.87 22.63 -15.40
C HIS C 131 15.67 23.61 -16.53
N ASP C 132 14.68 24.49 -16.34
CA ASP C 132 14.36 25.54 -17.27
C ASP C 132 15.52 26.52 -17.24
N CYS C 133 16.01 26.94 -18.41
CA CYS C 133 17.06 27.98 -18.51
C CYS C 133 16.62 29.27 -17.83
N ALA C 134 15.33 29.60 -17.96
CA ALA C 134 14.72 30.79 -17.33
C ALA C 134 14.76 30.67 -15.81
N ASP C 135 14.76 29.43 -15.32
CA ASP C 135 14.94 29.01 -13.91
C ASP C 135 13.70 28.34 -13.28
N ASN D 12 -3.85 -17.93 20.43
CA ASN D 12 -4.50 -16.97 19.46
C ASN D 12 -4.33 -15.46 19.77
N CYS D 13 -4.26 -15.09 21.05
CA CYS D 13 -4.16 -13.68 21.46
C CYS D 13 -2.76 -13.18 21.82
N ASP D 14 -1.84 -14.12 22.07
CA ASP D 14 -0.51 -13.80 22.63
C ASP D 14 -0.55 -12.97 23.92
N CYS D 15 -1.35 -13.39 24.90
CA CYS D 15 -1.45 -12.64 26.16
C CYS D 15 -0.27 -13.05 27.01
N LEU D 16 0.39 -12.09 27.62
CA LEU D 16 1.44 -12.43 28.59
C LEU D 16 0.92 -12.33 30.00
N ASN D 17 1.74 -12.74 30.98
CA ASN D 17 1.48 -12.40 32.40
C ASN D 17 0.16 -12.87 32.99
N GLY D 18 -0.24 -14.06 32.59
CA GLY D 18 -1.49 -14.64 33.05
C GLY D 18 -2.76 -14.06 32.42
N GLY D 19 -2.63 -13.25 31.37
CA GLY D 19 -3.80 -12.70 30.71
C GLY D 19 -4.65 -13.77 30.03
N THR D 20 -5.94 -13.50 29.89
CA THR D 20 -6.91 -14.47 29.35
C THR D 20 -7.22 -14.04 27.92
N CYS D 21 -7.06 -14.97 26.98
CA CYS D 21 -7.38 -14.73 25.58
C CYS D 21 -8.90 -14.84 25.34
N VAL D 22 -9.49 -13.72 24.93
CA VAL D 22 -10.92 -13.62 24.69
C VAL D 22 -11.07 -13.46 23.19
N SER D 23 -11.70 -14.43 22.54
CA SER D 23 -11.83 -14.31 21.10
C SER D 23 -13.18 -14.83 20.62
N ASN D 24 -13.64 -14.23 19.53
CA ASN D 24 -14.87 -14.63 18.92
C ASN D 24 -14.73 -16.02 18.25
N LYS D 25 -15.59 -16.96 18.59
CA LYS D 25 -15.51 -18.33 18.07
C LYS D 25 -15.70 -18.44 16.54
N TYR D 26 -16.00 -17.34 15.88
CA TYR D 26 -16.38 -17.35 14.46
C TYR D 26 -15.56 -16.38 13.64
N PHE D 27 -15.07 -15.32 14.29
CA PHE D 27 -14.23 -14.32 13.66
C PHE D 27 -12.94 -14.25 14.46
N SER D 28 -11.98 -15.08 14.10
CA SER D 28 -10.75 -15.20 14.90
C SER D 28 -9.89 -13.93 14.93
N ASN D 29 -10.16 -13.00 14.02
CA ASN D 29 -9.52 -11.66 14.08
C ASN D 29 -10.15 -10.72 15.12
N ILE D 30 -11.25 -11.13 15.73
CA ILE D 30 -11.88 -10.39 16.85
C ILE D 30 -11.49 -11.05 18.18
N HIS D 31 -10.48 -10.47 18.84
CA HIS D 31 -9.92 -11.00 20.10
C HIS D 31 -9.19 -9.94 20.89
N TRP D 32 -9.08 -10.14 22.20
CA TRP D 32 -8.27 -9.28 23.04
C TRP D 32 -7.84 -10.04 24.29
N CYS D 33 -6.96 -9.42 25.08
CA CYS D 33 -6.51 -10.02 26.35
C CYS D 33 -7.24 -9.41 27.53
N ASN D 34 -7.72 -10.25 28.42
CA ASN D 34 -8.16 -9.69 29.70
C ASN D 34 -7.03 -9.89 30.70
N CYS D 35 -6.41 -8.79 31.10
CA CYS D 35 -5.19 -8.81 31.93
C CYS D 35 -5.46 -8.70 33.44
N PRO D 36 -4.56 -9.31 34.27
CA PRO D 36 -4.60 -9.09 35.72
C PRO D 36 -4.33 -7.61 36.03
N LYS D 37 -4.71 -7.19 37.23
CA LYS D 37 -4.76 -5.77 37.60
C LYS D 37 -3.51 -4.96 37.23
N LYS D 38 -2.36 -5.44 37.69
CA LYS D 38 -1.15 -4.63 37.57
C LYS D 38 -0.37 -4.79 36.24
N PHE D 39 -1.02 -5.41 35.25
CA PHE D 39 -0.42 -5.58 33.90
C PHE D 39 -1.26 -4.92 32.81
N GLY D 40 -0.63 -3.99 32.09
CA GLY D 40 -1.38 -3.21 31.09
C GLY D 40 -0.94 -3.53 29.69
N GLY D 41 -1.53 -2.84 28.72
CA GLY D 41 -1.22 -3.07 27.31
C GLY D 41 -2.13 -4.13 26.68
N GLN D 42 -2.21 -4.12 25.35
CA GLN D 42 -3.06 -5.07 24.58
C GLN D 42 -2.71 -6.54 24.89
N HIS D 43 -1.45 -6.81 25.27
CA HIS D 43 -1.02 -8.17 25.51
C HIS D 43 -0.60 -8.39 26.98
N CYS D 44 -1.00 -7.49 27.88
CA CYS D 44 -0.68 -7.57 29.31
C CYS D 44 0.84 -7.45 29.47
N GLU D 45 1.45 -6.74 28.53
CA GLU D 45 2.93 -6.68 28.44
C GLU D 45 3.59 -5.58 29.26
N ILE D 46 2.80 -4.69 29.84
CA ILE D 46 3.35 -3.56 30.62
C ILE D 46 3.22 -3.90 32.11
N ASP D 47 4.37 -3.99 32.79
CA ASP D 47 4.42 -4.35 34.21
C ASP D 47 4.26 -3.02 34.97
N LYS D 48 3.00 -2.62 35.21
CA LYS D 48 2.66 -1.30 35.74
C LYS D 48 3.34 -0.92 37.06
N SER D 49 3.48 -1.90 37.95
CA SER D 49 3.97 -1.70 39.31
C SER D 49 5.48 -1.68 39.47
N LYS D 50 6.18 -2.32 38.54
CA LYS D 50 7.62 -2.52 38.68
C LYS D 50 8.40 -1.18 38.75
N THR D 51 9.09 -0.98 39.85
CA THR D 51 9.77 0.29 40.11
C THR D 51 11.27 0.25 39.84
N CYS D 52 11.80 -0.88 39.40
CA CYS D 52 13.24 -1.08 39.31
C CYS D 52 13.49 -2.26 38.36
N TYR D 53 14.74 -2.43 37.94
CA TYR D 53 15.14 -3.57 37.11
C TYR D 53 15.98 -4.58 37.83
N GLU D 54 15.85 -5.83 37.40
CA GLU D 54 16.68 -6.90 37.88
C GLU D 54 17.70 -7.33 36.84
N GLY D 55 18.88 -7.75 37.31
CA GLY D 55 19.95 -8.23 36.42
C GLY D 55 20.34 -7.06 35.55
N ASN D 56 20.34 -7.24 34.21
CA ASN D 56 20.73 -6.13 33.34
C ASN D 56 19.48 -5.44 32.79
N GLY D 57 18.31 -5.86 33.29
CA GLY D 57 17.04 -5.27 32.86
C GLY D 57 16.60 -5.63 31.47
N HIS D 58 17.22 -6.64 30.85
CA HIS D 58 16.75 -7.14 29.53
C HIS D 58 15.26 -7.49 29.65
N PHE D 59 14.81 -7.98 30.81
CA PHE D 59 13.39 -8.33 30.97
C PHE D 59 12.58 -7.32 31.75
N TYR D 60 13.13 -6.12 31.98
CA TYR D 60 12.34 -5.02 32.58
C TYR D 60 11.18 -4.55 31.65
N ARG D 61 9.96 -4.44 32.22
CA ARG D 61 8.77 -4.05 31.42
C ARG D 61 7.97 -2.97 32.15
N GLY D 62 8.62 -2.24 33.06
CA GLY D 62 7.95 -1.18 33.81
C GLY D 62 7.90 0.12 33.02
N LYS D 63 7.46 1.18 33.68
CA LYS D 63 7.11 2.41 32.94
C LYS D 63 8.06 3.60 33.10
N ALA D 64 9.33 3.37 33.50
CA ALA D 64 10.28 4.51 33.56
C ALA D 64 10.43 5.01 32.10
N SER D 65 10.54 6.34 31.91
CA SER D 65 10.39 6.90 30.54
C SER D 65 11.27 8.14 30.30
N THR D 66 12.32 8.29 31.11
CA THR D 66 13.24 9.42 30.95
C THR D 66 14.67 8.92 31.11
N ASP D 67 15.64 9.66 30.57
CA ASP D 67 17.05 9.32 30.76
C ASP D 67 17.58 9.92 32.05
N THR D 68 18.86 9.72 32.32
CA THR D 68 19.44 10.16 33.59
C THR D 68 19.48 11.70 33.67
N MET D 69 19.29 12.34 32.53
CA MET D 69 19.21 13.79 32.54
C MET D 69 17.78 14.35 32.51
N GLY D 70 16.81 13.46 32.69
CA GLY D 70 15.41 13.84 32.74
C GLY D 70 14.81 14.18 31.38
N ARG D 71 15.49 13.84 30.31
CA ARG D 71 14.93 14.02 28.99
C ARG D 71 13.94 12.87 28.70
N PRO D 72 12.80 13.17 28.04
CA PRO D 72 11.87 12.09 27.68
C PRO D 72 12.47 11.12 26.69
N CYS D 73 12.28 9.83 26.92
CA CYS D 73 12.51 8.83 25.89
C CYS D 73 11.64 9.09 24.66
N LEU D 74 12.17 8.77 23.49
CA LEU D 74 11.38 8.80 22.26
C LEU D 74 10.52 7.51 22.23
N PRO D 75 9.28 7.62 21.72
CA PRO D 75 8.44 6.42 21.58
C PRO D 75 9.06 5.39 20.62
N TRP D 76 8.88 4.09 20.91
CA TRP D 76 9.47 3.03 20.07
C TRP D 76 8.76 2.95 18.73
N ASN D 77 7.59 3.59 18.62
CA ASN D 77 6.87 3.63 17.37
C ASN D 77 6.88 5.06 16.72
N SER D 78 7.72 5.94 17.26
CA SER D 78 7.94 7.23 16.62
C SER D 78 8.63 7.05 15.24
N ALA D 79 8.38 7.98 14.30
CA ALA D 79 9.05 7.95 12.97
C ALA D 79 10.57 7.83 13.12
N THR D 80 11.12 8.60 14.05
CA THR D 80 12.58 8.63 14.28
C THR D 80 13.12 7.29 14.76
N VAL D 81 12.43 6.71 15.74
CA VAL D 81 12.87 5.41 16.26
C VAL D 81 12.68 4.25 15.24
N LEU D 82 11.62 4.33 14.45
CA LEU D 82 11.34 3.40 13.34
C LEU D 82 12.47 3.32 12.27
N GLN D 83 13.41 4.25 12.31
CA GLN D 83 14.59 4.19 11.45
C GLN D 83 15.81 3.56 12.15
N GLN D 84 15.68 3.24 13.43
CA GLN D 84 16.79 2.67 14.19
C GLN D 84 16.70 1.13 14.26
N THR D 85 17.68 0.49 14.89
CA THR D 85 17.70 -0.98 15.03
C THR D 85 16.54 -1.52 15.86
N TYR D 86 16.20 -0.83 16.93
CA TYR D 86 15.23 -1.36 17.90
C TYR D 86 14.01 -0.48 17.87
N HIS D 87 12.88 -1.05 17.45
CA HIS D 87 11.65 -0.29 17.30
C HIS D 87 10.47 -1.24 17.47
N ALA D 88 9.28 -0.64 17.57
CA ALA D 88 8.02 -1.33 17.92
C ALA D 88 7.40 -2.09 16.72
N HIS D 89 8.00 -1.96 15.54
CA HIS D 89 7.52 -2.71 14.35
C HIS D 89 8.39 -3.93 13.98
N ARG D 90 9.41 -4.26 14.80
CA ARG D 90 10.14 -5.50 14.60
C ARG D 90 9.20 -6.70 14.83
N SER D 91 9.51 -7.81 14.17
CA SER D 91 8.71 -9.01 14.35
C SER D 91 8.79 -9.55 15.77
N ASP D 92 9.84 -9.23 16.52
CA ASP D 92 9.97 -9.68 17.91
C ASP D 92 9.70 -8.56 18.91
N ALA D 93 8.99 -7.52 18.48
CA ALA D 93 8.76 -6.33 19.30
C ALA D 93 8.05 -6.68 20.62
N LEU D 94 7.04 -7.57 20.57
CA LEU D 94 6.34 -8.01 21.79
C LEU D 94 7.28 -8.69 22.78
N GLN D 95 8.09 -9.62 22.28
CA GLN D 95 9.11 -10.32 23.05
C GLN D 95 10.08 -9.36 23.75
N LEU D 96 10.42 -8.27 23.09
CA LEU D 96 11.40 -7.34 23.61
C LEU D 96 10.78 -6.20 24.42
N GLY D 97 9.44 -6.14 24.44
CA GLY D 97 8.69 -5.09 25.17
C GLY D 97 8.72 -3.73 24.47
N LEU D 98 8.93 -3.72 23.17
CA LEU D 98 8.96 -2.47 22.42
C LEU D 98 7.56 -2.23 21.82
N GLY D 99 6.89 -1.17 22.26
CA GLY D 99 5.48 -0.93 21.87
C GLY D 99 5.15 0.53 21.59
N LYS D 100 3.86 0.83 21.55
CA LYS D 100 3.37 2.21 21.43
C LYS D 100 3.49 2.97 22.76
N HIS D 101 4.74 3.24 23.16
CA HIS D 101 5.08 3.85 24.44
C HIS D 101 6.55 4.27 24.35
N ASN D 102 7.01 4.99 25.37
CA ASN D 102 8.40 5.41 25.46
C ASN D 102 9.07 4.94 26.75
N TYR D 103 8.74 3.73 27.20
CA TYR D 103 9.28 3.20 28.42
C TYR D 103 10.64 2.59 28.11
N CYS D 104 11.60 2.76 29.03
CA CYS D 104 12.97 2.27 28.87
C CYS D 104 12.98 0.75 28.75
N ARG D 105 13.92 0.20 27.93
CA ARG D 105 14.01 -1.22 27.68
C ARG D 105 15.47 -1.58 27.53
N ASN D 106 15.77 -2.85 27.30
CA ASN D 106 17.16 -3.24 27.07
C ASN D 106 17.16 -4.44 26.12
N PRO D 107 16.69 -4.22 24.86
CA PRO D 107 16.48 -5.36 23.97
C PRO D 107 17.79 -6.02 23.51
N ASP D 108 18.89 -5.29 23.63
CA ASP D 108 20.20 -5.77 23.11
C ASP D 108 21.18 -6.14 24.22
N ASN D 109 20.67 -6.30 25.43
CA ASN D 109 21.50 -6.71 26.58
C ASN D 109 22.70 -5.78 26.86
N ARG D 110 22.47 -4.46 26.87
CA ARG D 110 23.44 -3.53 27.44
C ARG D 110 23.52 -3.79 28.95
N ARG D 111 24.34 -3.05 29.68
CA ARG D 111 24.44 -3.31 31.13
C ARG D 111 23.18 -2.96 31.94
N ARG D 112 22.32 -2.10 31.40
CA ARG D 112 21.10 -1.62 32.10
C ARG D 112 20.12 -1.01 31.09
N PRO D 113 18.86 -0.76 31.49
CA PRO D 113 17.90 -0.23 30.52
C PRO D 113 18.24 1.17 29.96
N TRP D 114 17.77 1.42 28.77
CA TRP D 114 18.06 2.66 28.06
C TRP D 114 16.89 3.04 27.18
N CYS D 115 16.99 4.18 26.49
CA CYS D 115 16.05 4.46 25.43
C CYS D 115 16.69 5.41 24.44
N TYR D 116 16.06 5.56 23.27
CA TYR D 116 16.53 6.61 22.37
C TYR D 116 16.07 7.96 22.86
N VAL D 117 16.96 8.95 22.79
CA VAL D 117 16.63 10.34 23.20
C VAL D 117 17.08 11.24 22.05
N GLN D 118 16.29 12.28 21.73
CA GLN D 118 16.66 13.25 20.69
C GLN D 118 17.86 14.08 21.13
N VAL D 119 18.94 14.02 20.35
CA VAL D 119 20.11 14.89 20.60
C VAL D 119 20.52 15.54 19.29
N GLY D 120 20.14 16.80 19.10
CA GLY D 120 20.36 17.48 17.81
C GLY D 120 19.55 16.75 16.74
N LEU D 121 20.21 16.34 15.67
CA LEU D 121 19.46 15.82 14.51
C LEU D 121 19.32 14.31 14.51
N LYS D 122 19.78 13.62 15.56
CA LYS D 122 19.76 12.14 15.62
C LYS D 122 19.29 11.69 16.99
N PRO D 123 18.63 10.51 17.06
CA PRO D 123 18.37 9.89 18.34
C PRO D 123 19.65 9.20 18.82
N LEU D 124 19.86 9.24 20.12
CA LEU D 124 21.03 8.65 20.72
C LEU D 124 20.59 7.78 21.88
N VAL D 125 21.22 6.60 22.01
CA VAL D 125 20.95 5.69 23.14
C VAL D 125 21.41 6.34 24.42
N GLN D 126 20.53 6.44 25.41
CA GLN D 126 20.90 7.03 26.70
C GLN D 126 20.46 6.10 27.81
N GLU D 127 21.23 6.07 28.89
CA GLU D 127 20.88 5.32 30.13
C GLU D 127 19.57 5.86 30.74
N CYS D 128 18.67 4.93 31.09
CA CYS D 128 17.41 5.26 31.67
C CYS D 128 17.56 5.66 33.12
N MET D 129 16.69 6.57 33.55
CA MET D 129 16.55 6.88 34.98
C MET D 129 15.71 5.79 35.65
N VAL D 130 16.33 4.65 35.91
CA VAL D 130 15.70 3.57 36.68
C VAL D 130 16.82 2.84 37.44
N HIS D 131 16.56 2.32 38.63
CA HIS D 131 17.62 1.73 39.45
C HIS D 131 17.50 0.21 39.55
N ASP D 132 18.62 -0.42 39.89
CA ASP D 132 18.68 -1.86 40.11
C ASP D 132 17.87 -2.18 41.37
N CYS D 133 16.93 -3.14 41.28
CA CYS D 133 16.24 -3.63 42.50
C CYS D 133 17.17 -4.05 43.65
N ALA D 134 18.37 -4.56 43.35
CA ALA D 134 19.32 -4.99 44.39
C ALA D 134 19.91 -3.76 45.07
N ASP D 135 19.57 -2.59 44.52
CA ASP D 135 19.98 -1.21 44.91
C ASP D 135 21.22 -0.65 44.25
P PO4 E . 20.07 0.36 -33.46
O1 PO4 E . 19.27 1.63 -33.33
O2 PO4 E . 19.15 -0.85 -33.43
O3 PO4 E . 21.05 0.26 -32.29
O4 PO4 E . 20.85 0.35 -34.77
P PO4 F . 1.81 2.29 15.00
O1 PO4 F . 1.29 3.33 15.96
O2 PO4 F . 0.72 1.30 14.66
O3 PO4 F . 2.90 1.49 15.66
O4 PO4 F . 2.37 2.95 13.73
P PO4 G . 22.28 4.23 39.81
O1 PO4 G . 21.09 3.35 39.43
O2 PO4 G . 22.36 4.34 41.32
O3 PO4 G . 22.11 5.62 39.25
O4 PO4 G . 23.54 3.61 39.29
P PO4 H . 27.27 -1.92 27.92
O1 PO4 H . 25.88 -1.50 28.35
O2 PO4 H . 27.74 -0.94 26.86
O3 PO4 H . 27.27 -3.33 27.36
O4 PO4 H . 28.18 -1.83 29.13
#